data_9F85
#
_entry.id   9F85
#
_cell.length_a   54.760
_cell.length_b   76.353
_cell.length_c   164.114
_cell.angle_alpha   90.000
_cell.angle_beta   90.000
_cell.angle_gamma   90.000
#
_symmetry.space_group_name_H-M   'P 21 21 21'
#
loop_
_entity.id
_entity.type
_entity.pdbx_description
1 polymer 'Choline O-acetyltransferase'
2 non-polymer 1-methyl-4-(2-naphthalen-1-ylethyl)-4H-pyridine
3 non-polymer 'SODIUM ION'
4 water water
#
_entity_poly.entity_id   1
_entity_poly.type   'polypeptide(L)'
_entity_poly.pdbx_seq_one_letter_code
;AAAKTPSSEESGLPKLPVPPLQQTLATYLQCMRHLVSEEQFRKSQAIVQQFGAPGGLGETLQQKLLERQEKTANWVSEYW
LNDMYLNNRLALPVNSSPAVIFARQHFPGTDDQLRFAASLISGVLSYKALLDSHSIPTDCAKGQLSGQPLCMKQYYGLFS
SYRLPGHTQDTLVAQNSSIMPEPEHVIVACCNQFFVLDVVINFRRLSEGDLFTQLRKIVKMASNAAARLPPIGLLTSDGR
SEWAEARTVLVKDSTNRDSLDMIERCICLVCLDAPGGVELSDTHRALQLLHGGGYSKNGANRWYDKSLQFVVGRDGTCGV
VCEHSPFDGIVLVQCTEHLLKHMTQPELVRSPMVPLPAPRRLRWKCSPEIQGHLASSAEKLQRIVKNLDFIVYKFDNYGK
TFIKKQKCSPDAFIQVALQLAFYRLHRRLVPTYESASIRRFQEGRVDNIRSATPEALAFVRAVTDHKAAVPASEKLLLLK
DAIRAQTAYTVMAITGMAIDNHLLALRELARAMCAALPEMFMDETYLMSNRFVLSTSQVPTTTEMFCCYGPVVPNGYGAC
YNPQPETILFCISSFHSCAATSSSKFAKAVEESLIDMRDLCSLLPPTESKPL
;
_entity_poly.pdbx_strand_id   A
#
loop_
_chem_comp.id
_chem_comp.type
_chem_comp.name
_chem_comp.formula
A1IAO non-polymer 1-methyl-4-(2-naphthalen-1-ylethyl)-4H-pyridine 'C18 H19 N'
NA non-polymer 'SODIUM ION' 'Na 1'
#
# COMPACT_ATOMS: atom_id res chain seq x y z
N SER A 8 -24.43 9.68 18.45
CA SER A 8 -23.98 10.88 19.12
C SER A 8 -22.46 10.87 19.29
N GLU A 9 -21.99 10.20 20.32
CA GLU A 9 -20.55 9.95 20.45
C GLU A 9 -20.14 8.62 19.87
N GLU A 10 -21.02 7.64 19.91
CA GLU A 10 -20.69 6.30 19.47
C GLU A 10 -21.03 6.13 17.99
N SER A 11 -20.25 5.30 17.31
CA SER A 11 -20.52 5.00 15.91
C SER A 11 -21.84 4.27 15.77
N GLY A 12 -22.56 4.59 14.69
CA GLY A 12 -23.74 3.84 14.37
C GLY A 12 -23.50 2.67 13.44
N LEU A 13 -22.27 2.47 13.02
CA LEU A 13 -21.94 1.38 12.10
C LEU A 13 -21.92 0.05 12.81
N PRO A 14 -22.21 -1.03 12.09
CA PRO A 14 -22.07 -2.37 12.66
C PRO A 14 -20.62 -2.67 13.03
N LYS A 15 -20.46 -3.58 14.00
CA LYS A 15 -19.14 -4.10 14.30
C LYS A 15 -18.75 -5.19 13.30
N LEU A 16 -17.45 -5.36 13.10
CA LEU A 16 -16.95 -6.41 12.23
C LEU A 16 -17.49 -7.76 12.70
N PRO A 17 -18.15 -8.54 11.84
CA PRO A 17 -18.64 -9.83 12.26
C PRO A 17 -17.51 -10.78 12.63
N VAL A 18 -17.85 -11.74 13.47
CA VAL A 18 -16.97 -12.89 13.71
C VAL A 18 -17.55 -14.07 12.95
N PRO A 19 -16.89 -14.56 11.90
CA PRO A 19 -17.45 -15.71 11.16
C PRO A 19 -17.54 -16.93 12.05
N PRO A 20 -18.41 -17.88 11.73
CA PRO A 20 -18.44 -19.15 12.46
C PRO A 20 -17.10 -19.88 12.29
N LEU A 21 -16.66 -20.52 13.37
CA LEU A 21 -15.38 -21.22 13.33
C LEU A 21 -15.33 -22.27 12.23
N GLN A 22 -16.39 -23.11 12.12
CA GLN A 22 -16.29 -24.22 11.16
C GLN A 22 -16.35 -23.71 9.72
N GLN A 23 -16.99 -22.58 9.49
CA GLN A 23 -17.02 -21.96 8.16
C GLN A 23 -15.60 -21.56 7.72
N THR A 24 -14.88 -20.89 8.62
CA THR A 24 -13.51 -20.46 8.34
C THR A 24 -12.58 -21.65 8.16
N LEU A 25 -12.70 -22.66 9.02
CA LEU A 25 -11.78 -23.79 8.87
C LEU A 25 -12.00 -24.53 7.56
N ALA A 26 -13.27 -24.68 7.12
CA ALA A 26 -13.56 -25.38 5.87
C ALA A 26 -13.09 -24.58 4.67
N THR A 27 -13.29 -23.27 4.71
CA THR A 27 -12.81 -22.41 3.61
C THR A 27 -11.28 -22.45 3.53
N TYR A 28 -10.62 -22.42 4.69
CA TYR A 28 -9.18 -22.48 4.73
C TYR A 28 -8.65 -23.74 4.05
N LEU A 29 -9.18 -24.91 4.44
CA LEU A 29 -8.67 -26.13 3.82
C LEU A 29 -8.92 -26.13 2.32
N GLN A 30 -10.12 -25.71 1.87
CA GLN A 30 -10.47 -25.69 0.44
C GLN A 30 -9.59 -24.71 -0.34
N CYS A 31 -9.23 -23.58 0.27
CA CYS A 31 -8.30 -22.58 -0.30
C CYS A 31 -6.94 -23.19 -0.59
N MET A 32 -6.50 -24.09 0.27
CA MET A 32 -5.09 -24.47 0.26
C MET A 32 -4.85 -25.83 -0.37
N ARG A 33 -5.90 -26.64 -0.58
CA ARG A 33 -5.69 -28.01 -1.06
C ARG A 33 -4.84 -28.07 -2.32
N HIS A 34 -5.07 -27.16 -3.28
CA HIS A 34 -4.35 -27.27 -4.56
C HIS A 34 -3.00 -26.58 -4.52
N LEU A 35 -2.61 -25.98 -3.40
CA LEU A 35 -1.41 -25.17 -3.29
C LEU A 35 -0.31 -25.83 -2.46
N VAL A 36 -0.60 -27.01 -1.91
CA VAL A 36 0.36 -27.80 -1.13
C VAL A 36 0.34 -29.22 -1.70
N SER A 37 1.31 -30.04 -1.26
CA SER A 37 1.34 -31.40 -1.73
C SER A 37 0.23 -32.24 -1.09
N GLU A 38 -0.11 -33.38 -1.74
CA GLU A 38 -1.15 -34.23 -1.17
C GLU A 38 -0.76 -34.70 0.24
N GLU A 39 0.54 -35.00 0.47
CA GLU A 39 0.93 -35.46 1.80
C GLU A 39 0.82 -34.34 2.82
N GLN A 40 1.25 -33.14 2.45
CA GLN A 40 1.12 -32.02 3.38
C GLN A 40 -0.35 -31.70 3.62
N PHE A 41 -1.19 -31.81 2.59
CA PHE A 41 -2.61 -31.53 2.79
C PHE A 41 -3.22 -32.51 3.76
N ARG A 42 -2.88 -33.80 3.61
CA ARG A 42 -3.43 -34.80 4.51
C ARG A 42 -3.10 -34.47 5.97
N LYS A 43 -1.87 -34.01 6.23
CA LYS A 43 -1.50 -33.68 7.61
C LYS A 43 -2.22 -32.43 8.07
N SER A 44 -2.39 -31.45 7.18
CA SER A 44 -3.12 -30.26 7.57
C SER A 44 -4.59 -30.56 7.84
N GLN A 45 -5.22 -31.46 7.03
CA GLN A 45 -6.58 -31.89 7.35
C GLN A 45 -6.67 -32.40 8.78
N ALA A 46 -5.71 -33.22 9.23
CA ALA A 46 -5.82 -33.75 10.58
C ALA A 46 -5.53 -32.67 11.64
N ILE A 47 -4.62 -31.75 11.34
CA ILE A 47 -4.35 -30.67 12.28
C ILE A 47 -5.60 -29.83 12.48
N VAL A 48 -6.26 -29.47 11.37
CA VAL A 48 -7.44 -28.63 11.42
C VAL A 48 -8.59 -29.35 12.12
N GLN A 49 -8.77 -30.63 11.82
CA GLN A 49 -9.79 -31.41 12.53
C GLN A 49 -9.57 -31.37 14.03
N GLN A 50 -8.33 -31.56 14.48
CA GLN A 50 -8.08 -31.55 15.92
C GLN A 50 -8.29 -30.15 16.48
N PHE A 51 -7.84 -29.13 15.74
CA PHE A 51 -8.03 -27.77 16.23
C PHE A 51 -9.51 -27.44 16.39
N GLY A 52 -10.33 -27.87 15.44
CA GLY A 52 -11.72 -27.48 15.38
C GLY A 52 -12.70 -28.45 16.03
N ALA A 53 -12.20 -29.48 16.72
CA ALA A 53 -13.06 -30.52 17.31
C ALA A 53 -13.95 -29.95 18.41
N PRO A 54 -15.10 -30.57 18.64
CA PRO A 54 -15.98 -30.15 19.74
C PRO A 54 -15.23 -30.13 21.07
N GLY A 55 -15.35 -29.02 21.80
CA GLY A 55 -14.66 -28.92 23.08
C GLY A 55 -13.17 -28.66 22.96
N GLY A 56 -12.68 -28.43 21.73
CA GLY A 56 -11.26 -28.27 21.45
C GLY A 56 -10.78 -26.84 21.56
N LEU A 57 -9.52 -26.63 21.13
CA LEU A 57 -8.90 -25.33 21.36
C LEU A 57 -9.55 -24.25 20.50
N GLY A 58 -9.85 -24.56 19.24
CA GLY A 58 -10.49 -23.59 18.36
C GLY A 58 -11.78 -23.04 18.94
N GLU A 59 -12.60 -23.90 19.51
CA GLU A 59 -13.83 -23.44 20.14
C GLU A 59 -13.56 -22.57 21.33
N THR A 60 -12.52 -22.88 22.10
CA THR A 60 -12.17 -21.99 23.20
C THR A 60 -11.71 -20.64 22.71
N LEU A 61 -10.88 -20.62 21.67
CA LEU A 61 -10.42 -19.34 21.11
C LEU A 61 -11.58 -18.57 20.47
N GLN A 62 -12.51 -19.27 19.82
CA GLN A 62 -13.66 -18.59 19.22
C GLN A 62 -14.51 -17.90 20.30
N GLN A 63 -14.66 -18.54 21.48
CA GLN A 63 -15.38 -17.90 22.58
C GLN A 63 -14.64 -16.65 23.06
N LYS A 64 -13.31 -16.71 23.17
CA LYS A 64 -12.54 -15.53 23.55
C LYS A 64 -12.68 -14.43 22.52
N LEU A 65 -12.81 -14.80 21.23
CA LEU A 65 -12.95 -13.80 20.18
C LEU A 65 -14.32 -13.13 20.24
N LEU A 66 -15.37 -13.88 20.55
CA LEU A 66 -16.69 -13.24 20.70
C LEU A 66 -16.69 -12.27 21.89
N GLU A 67 -15.98 -12.62 22.98
CA GLU A 67 -15.83 -11.66 24.09
C GLU A 67 -15.05 -10.42 23.66
N ARG A 68 -13.98 -10.59 22.87
CA ARG A 68 -13.26 -9.43 22.35
C ARG A 68 -14.15 -8.56 21.48
N GLN A 69 -14.98 -9.18 20.62
CA GLN A 69 -15.83 -8.37 19.76
C GLN A 69 -16.77 -7.49 20.58
N GLU A 70 -17.24 -8.02 21.71
CA GLU A 70 -18.17 -7.26 22.53
C GLU A 70 -17.49 -6.09 23.21
N LYS A 71 -16.21 -6.24 23.59
CA LYS A 71 -15.46 -5.26 24.38
C LYS A 71 -14.69 -4.24 23.55
N THR A 72 -14.56 -4.42 22.24
CA THR A 72 -13.78 -3.54 21.38
C THR A 72 -14.68 -3.01 20.27
N ALA A 73 -14.31 -1.84 19.70
CA ALA A 73 -15.01 -1.38 18.49
C ALA A 73 -14.78 -2.35 17.35
N ASN A 74 -13.55 -2.88 17.25
CA ASN A 74 -13.14 -3.74 16.14
C ASN A 74 -12.10 -4.71 16.66
N TRP A 75 -12.47 -5.99 16.68
CA TRP A 75 -11.67 -7.02 17.35
C TRP A 75 -10.37 -7.33 16.62
N VAL A 76 -10.23 -6.94 15.36
CA VAL A 76 -8.97 -7.20 14.65
C VAL A 76 -8.05 -5.98 14.54
N SER A 77 -8.50 -4.77 14.89
CA SER A 77 -7.70 -3.58 14.59
C SER A 77 -6.26 -3.72 15.06
N GLU A 78 -6.09 -3.99 16.34
CA GLU A 78 -4.73 -4.03 16.89
C GLU A 78 -3.89 -5.14 16.27
N TYR A 79 -4.45 -6.35 16.17
CA TYR A 79 -3.68 -7.44 15.56
C TYR A 79 -3.33 -7.14 14.11
N TRP A 80 -4.27 -6.59 13.35
CA TRP A 80 -4.02 -6.37 11.93
C TRP A 80 -2.99 -5.28 11.70
N LEU A 81 -3.08 -4.19 12.46
CA LEU A 81 -2.10 -3.10 12.31
C LEU A 81 -0.71 -3.60 12.60
N ASN A 82 -0.57 -4.43 13.61
CA ASN A 82 0.76 -4.94 13.92
C ASN A 82 1.21 -5.93 12.87
N ASP A 83 0.33 -6.90 12.50
CA ASP A 83 0.74 -7.96 11.60
C ASP A 83 1.03 -7.41 10.20
N MET A 84 0.17 -6.54 9.68
CA MET A 84 0.36 -6.05 8.32
C MET A 84 1.46 -5.02 8.22
N TYR A 85 1.59 -4.14 9.21
CA TYR A 85 2.53 -3.02 9.11
C TYR A 85 3.57 -2.97 10.23
N LEU A 86 3.18 -2.82 11.49
CA LEU A 86 4.14 -2.34 12.47
C LEU A 86 5.19 -3.37 12.83
N ASN A 87 4.89 -4.67 12.70
CA ASN A 87 5.91 -5.68 12.95
C ASN A 87 6.88 -5.85 11.79
N ASN A 88 6.53 -5.36 10.59
CA ASN A 88 7.34 -5.61 9.40
C ASN A 88 8.66 -4.86 9.54
N ARG A 89 9.77 -5.58 9.46
CA ARG A 89 11.11 -5.02 9.65
C ARG A 89 11.68 -4.42 8.36
N LEU A 90 11.03 -4.63 7.22
CA LEU A 90 11.64 -4.18 5.97
C LEU A 90 11.62 -2.67 5.88
N ALA A 91 12.60 -2.12 5.17
CA ALA A 91 12.59 -0.68 4.92
C ALA A 91 11.29 -0.30 4.21
N LEU A 92 10.79 0.91 4.51
CA LEU A 92 9.51 1.32 3.94
C LEU A 92 9.53 1.55 2.43
N PRO A 93 10.54 2.19 1.85
CA PRO A 93 10.51 2.39 0.40
C PRO A 93 10.44 1.04 -0.29
N VAL A 94 9.60 1.00 -1.33
CA VAL A 94 9.36 -0.15 -2.21
C VAL A 94 8.65 -1.27 -1.48
N ASN A 95 9.16 -1.72 -0.34
CA ASN A 95 8.53 -2.86 0.33
C ASN A 95 7.17 -2.56 0.91
N SER A 96 6.91 -1.30 1.31
CA SER A 96 5.70 -0.97 2.05
C SER A 96 4.94 0.23 1.53
N SER A 97 5.64 1.37 1.33
CA SER A 97 4.97 2.63 1.05
C SER A 97 4.62 2.77 -0.41
N PRO A 98 3.33 2.79 -0.76
N PRO A 98 3.34 2.74 -0.77
CA PRO A 98 2.95 2.92 -2.16
CA PRO A 98 2.95 2.91 -2.17
C PRO A 98 3.11 4.35 -2.64
C PRO A 98 3.18 4.33 -2.63
N ALA A 99 3.21 4.49 -3.94
CA ALA A 99 3.31 5.84 -4.53
C ALA A 99 2.19 6.06 -5.52
N VAL A 100 1.71 7.30 -5.55
CA VAL A 100 0.70 7.73 -6.50
C VAL A 100 1.37 8.77 -7.37
N ILE A 101 1.35 8.55 -8.69
CA ILE A 101 2.04 9.41 -9.65
C ILE A 101 1.00 10.26 -10.34
N PHE A 102 1.18 11.57 -10.32
CA PHE A 102 0.26 12.45 -11.00
C PHE A 102 0.66 12.58 -12.47
N ALA A 103 -0.19 13.25 -13.25
CA ALA A 103 0.18 13.56 -14.63
C ALA A 103 1.49 14.34 -14.68
N ARG A 104 2.25 14.13 -15.76
CA ARG A 104 3.47 14.87 -15.99
C ARG A 104 3.15 16.36 -16.08
N GLN A 105 3.92 17.18 -15.36
CA GLN A 105 3.72 18.62 -15.39
C GLN A 105 4.83 19.25 -16.19
N HIS A 106 4.58 20.45 -16.70
CA HIS A 106 5.59 21.19 -17.44
C HIS A 106 5.91 22.48 -16.69
N PHE A 107 7.16 22.60 -16.23
CA PHE A 107 7.63 23.70 -15.41
C PHE A 107 8.76 24.37 -16.20
N PRO A 108 8.45 25.37 -17.02
CA PRO A 108 9.55 26.10 -17.69
C PRO A 108 10.57 26.63 -16.70
N GLY A 109 10.12 27.29 -15.65
CA GLY A 109 11.00 27.89 -14.65
C GLY A 109 10.78 27.34 -13.26
N THR A 110 11.76 27.56 -12.40
CA THR A 110 11.59 27.23 -10.99
C THR A 110 10.31 27.83 -10.45
N ASP A 111 9.98 29.05 -10.89
CA ASP A 111 8.76 29.69 -10.36
C ASP A 111 7.52 28.89 -10.73
N ASP A 112 7.56 28.13 -11.82
CA ASP A 112 6.39 27.32 -12.17
C ASP A 112 6.28 26.11 -11.25
N GLN A 113 7.42 25.52 -10.89
CA GLN A 113 7.41 24.46 -9.90
C GLN A 113 6.88 24.96 -8.56
N LEU A 114 7.34 26.12 -8.13
CA LEU A 114 6.92 26.67 -6.83
C LEU A 114 5.46 27.12 -6.85
N ARG A 115 4.95 27.63 -7.97
CA ARG A 115 3.52 27.95 -8.01
C ARG A 115 2.69 26.67 -7.87
N PHE A 116 3.15 25.57 -8.48
CA PHE A 116 2.44 24.31 -8.32
C PHE A 116 2.47 23.87 -6.86
N ALA A 117 3.65 23.91 -6.24
CA ALA A 117 3.75 23.51 -4.84
C ALA A 117 2.87 24.38 -3.95
N ALA A 118 2.85 25.70 -4.20
CA ALA A 118 2.02 26.61 -3.41
C ALA A 118 0.54 26.29 -3.59
N SER A 119 0.12 26.03 -4.83
CA SER A 119 -1.26 25.64 -5.09
C SER A 119 -1.62 24.33 -4.41
N LEU A 120 -0.70 23.37 -4.42
CA LEU A 120 -1.00 22.07 -3.81
C LEU A 120 -1.07 22.20 -2.28
N ILE A 121 -0.16 22.96 -1.68
CA ILE A 121 -0.24 23.20 -0.23
C ILE A 121 -1.55 23.88 0.11
N SER A 122 -1.93 24.90 -0.66
CA SER A 122 -3.22 25.53 -0.42
C SER A 122 -4.35 24.51 -0.46
N GLY A 123 -4.30 23.56 -1.42
CA GLY A 123 -5.31 22.54 -1.49
C GLY A 123 -5.33 21.62 -0.28
N VAL A 124 -4.15 21.30 0.24
CA VAL A 124 -4.07 20.47 1.44
C VAL A 124 -4.71 21.18 2.62
N LEU A 125 -4.39 22.46 2.82
CA LEU A 125 -5.02 23.23 3.89
C LEU A 125 -6.54 23.26 3.73
N SER A 126 -7.02 23.44 2.50
CA SER A 126 -8.48 23.49 2.30
C SER A 126 -9.13 22.15 2.61
N TYR A 127 -8.50 21.06 2.16
CA TYR A 127 -9.03 19.73 2.42
C TYR A 127 -9.00 19.40 3.91
N LYS A 128 -7.90 19.74 4.59
CA LYS A 128 -7.84 19.50 6.01
C LYS A 128 -8.91 20.28 6.77
N ALA A 129 -9.22 21.51 6.33
CA ALA A 129 -10.30 22.26 6.96
C ALA A 129 -11.64 21.53 6.79
N LEU A 130 -11.87 20.94 5.62
CA LEU A 130 -13.09 20.18 5.39
C LEU A 130 -13.14 18.96 6.30
N LEU A 131 -12.01 18.26 6.38
CA LEU A 131 -11.90 17.10 7.25
C LEU A 131 -12.19 17.46 8.69
N ASP A 132 -11.55 18.52 9.20
CA ASP A 132 -11.62 18.79 10.63
C ASP A 132 -12.98 19.37 11.02
N SER A 133 -13.74 19.90 10.08
CA SER A 133 -15.12 20.28 10.33
C SER A 133 -16.10 19.15 10.02
N HIS A 134 -15.59 17.94 9.75
CA HIS A 134 -16.43 16.77 9.54
C HIS A 134 -17.33 16.95 8.33
N SER A 135 -16.82 17.66 7.33
CA SER A 135 -17.55 18.04 6.12
C SER A 135 -17.30 17.12 4.94
N ILE A 136 -16.51 16.06 5.08
CA ILE A 136 -16.33 15.11 4.00
C ILE A 136 -17.64 14.34 3.87
N PRO A 137 -18.34 14.39 2.74
CA PRO A 137 -19.57 13.59 2.61
C PRO A 137 -19.27 12.12 2.84
N THR A 138 -20.06 11.50 3.70
CA THR A 138 -19.88 10.08 3.99
C THR A 138 -19.93 9.27 2.70
N ASP A 139 -18.89 8.47 2.50
CA ASP A 139 -18.81 7.49 1.43
C ASP A 139 -19.84 6.41 1.65
N CYS A 140 -20.41 5.90 0.55
CA CYS A 140 -21.34 4.79 0.60
C CYS A 140 -20.80 3.67 -0.29
N ALA A 141 -21.09 2.43 0.10
CA ALA A 141 -20.61 1.27 -0.63
C ALA A 141 -20.93 1.43 -2.12
N LYS A 142 -19.98 1.05 -2.97
CA LYS A 142 -20.16 1.23 -4.41
C LYS A 142 -20.36 2.70 -4.77
N GLY A 147 -26.41 4.10 -0.64
CA GLY A 147 -25.49 3.01 -0.38
C GLY A 147 -25.26 2.84 1.12
N GLN A 148 -24.76 1.70 1.49
CA GLN A 148 -24.51 1.45 2.90
C GLN A 148 -23.38 2.36 3.35
N PRO A 149 -23.54 3.08 4.46
N PRO A 149 -23.52 3.07 4.47
CA PRO A 149 -22.51 4.04 4.88
CA PRO A 149 -22.48 4.03 4.88
C PRO A 149 -21.22 3.33 5.26
C PRO A 149 -21.19 3.29 5.19
N LEU A 150 -20.09 4.02 5.06
CA LEU A 150 -18.77 3.48 5.34
C LEU A 150 -18.08 4.26 6.45
N CYS A 151 -17.15 3.58 7.13
CA CYS A 151 -16.36 4.22 8.18
C CYS A 151 -15.50 5.32 7.59
N MET A 152 -15.50 6.49 8.25
CA MET A 152 -14.67 7.61 7.79
C MET A 152 -13.42 7.83 8.65
N LYS A 153 -13.09 6.92 9.56
N LYS A 153 -13.12 6.90 9.56
CA LYS A 153 -11.96 7.19 10.45
CA LYS A 153 -11.96 7.09 10.43
C LYS A 153 -10.61 7.24 9.73
C LYS A 153 -10.69 7.37 9.65
N GLN A 154 -10.46 6.62 8.57
CA GLN A 154 -9.16 6.71 7.88
C GLN A 154 -8.85 8.14 7.43
N TYR A 155 -9.87 8.94 7.15
CA TYR A 155 -9.60 10.31 6.71
C TYR A 155 -8.87 11.09 7.80
N TYR A 156 -9.16 10.80 9.05
CA TYR A 156 -8.55 11.56 10.15
C TYR A 156 -7.12 11.13 10.41
N GLY A 157 -6.64 10.10 9.72
CA GLY A 157 -5.25 9.71 9.76
C GLY A 157 -4.40 10.19 8.60
N LEU A 158 -4.99 10.94 7.66
CA LEU A 158 -4.18 11.35 6.51
C LEU A 158 -3.09 12.32 6.93
N PHE A 159 -3.42 13.24 7.84
CA PHE A 159 -2.49 14.33 8.17
C PHE A 159 -2.01 14.32 9.61
N SER A 160 -2.56 13.45 10.44
CA SER A 160 -2.26 13.49 11.87
C SER A 160 -1.46 12.29 12.36
N SER A 161 -0.81 11.56 11.44
CA SER A 161 -0.13 10.29 11.77
C SER A 161 1.37 10.37 11.59
N TYR A 162 2.08 9.59 12.40
CA TYR A 162 3.53 9.47 12.26
C TYR A 162 3.92 8.07 12.71
N ARG A 163 4.73 7.36 11.91
CA ARG A 163 5.12 5.98 12.24
C ARG A 163 6.53 5.97 12.85
N LEU A 164 6.61 5.76 14.19
CA LEU A 164 7.91 5.74 14.87
C LEU A 164 8.54 4.38 14.68
N PRO A 165 9.84 4.31 14.42
CA PRO A 165 10.49 3.02 14.35
C PRO A 165 10.68 2.43 15.74
N GLY A 166 10.62 1.09 15.80
CA GLY A 166 10.97 0.37 17.02
C GLY A 166 11.94 -0.75 16.73
N HIS A 167 12.59 -1.24 17.78
CA HIS A 167 13.53 -2.34 17.56
C HIS A 167 12.85 -3.60 17.05
N THR A 168 11.64 -3.91 17.54
CA THR A 168 10.93 -5.09 17.07
C THR A 168 9.54 -4.74 16.57
N GLN A 169 8.95 -3.66 17.08
CA GLN A 169 7.62 -3.27 16.63
C GLN A 169 7.55 -1.75 16.59
N ASP A 170 7.08 -1.22 15.44
CA ASP A 170 6.92 0.22 15.28
C ASP A 170 5.69 0.68 16.04
N THR A 171 5.56 2.01 16.17
CA THR A 171 4.44 2.62 16.87
C THR A 171 3.77 3.63 15.93
N LEU A 172 2.46 3.55 15.79
CA LEU A 172 1.76 4.50 14.97
C LEU A 172 1.18 5.52 15.92
N VAL A 173 1.65 6.75 15.81
CA VAL A 173 1.28 7.85 16.72
C VAL A 173 0.24 8.73 16.03
N ALA A 174 -0.82 9.07 16.77
CA ALA A 174 -1.78 10.08 16.36
C ALA A 174 -1.55 11.36 17.17
N GLN A 175 -1.58 12.50 16.49
CA GLN A 175 -1.34 13.78 17.15
C GLN A 175 -2.66 14.42 17.55
N PRO A 183 0.11 25.98 16.46
CA PRO A 183 0.22 26.44 15.06
C PRO A 183 0.59 25.28 14.13
N GLU A 184 -0.02 25.21 12.95
CA GLU A 184 0.18 24.10 12.04
C GLU A 184 1.22 24.45 10.98
N HIS A 185 2.01 23.46 10.59
CA HIS A 185 3.11 23.68 9.66
C HIS A 185 3.23 22.46 8.76
N VAL A 186 3.79 22.69 7.59
CA VAL A 186 4.29 21.60 6.75
C VAL A 186 5.80 21.59 6.85
N ILE A 187 6.41 20.48 6.46
CA ILE A 187 7.86 20.40 6.34
C ILE A 187 8.18 20.41 4.85
N VAL A 188 9.08 21.30 4.42
CA VAL A 188 9.50 21.32 3.01
C VAL A 188 10.88 20.71 2.93
N ALA A 189 11.04 19.72 2.06
CA ALA A 189 12.33 19.09 1.84
C ALA A 189 12.93 19.66 0.56
N CYS A 190 14.14 20.23 0.65
CA CYS A 190 14.80 20.74 -0.53
C CYS A 190 16.29 20.52 -0.36
N CYS A 191 16.93 19.84 -1.32
CA CYS A 191 18.37 19.51 -1.23
C CYS A 191 18.70 18.75 0.05
N ASN A 192 17.81 17.85 0.46
CA ASN A 192 17.97 17.00 1.63
C ASN A 192 17.90 17.77 2.93
N GLN A 193 17.53 19.06 2.88
CA GLN A 193 17.40 19.95 4.02
C GLN A 193 15.91 20.09 4.34
N PHE A 194 15.56 20.23 5.62
CA PHE A 194 14.15 20.27 6.02
C PHE A 194 13.85 21.64 6.61
N PHE A 195 12.73 22.23 6.19
CA PHE A 195 12.33 23.56 6.65
C PHE A 195 10.93 23.50 7.21
N VAL A 196 10.71 24.19 8.32
CA VAL A 196 9.38 24.38 8.85
C VAL A 196 8.71 25.53 8.10
N LEU A 197 7.59 25.25 7.48
CA LEU A 197 6.77 26.24 6.78
C LEU A 197 5.45 26.35 7.53
N ASP A 198 5.29 27.43 8.29
CA ASP A 198 4.02 27.71 8.96
C ASP A 198 2.99 28.11 7.91
N VAL A 199 1.80 27.56 7.99
CA VAL A 199 0.80 27.84 6.97
C VAL A 199 -0.30 28.74 7.50
N VAL A 200 -0.12 29.33 8.68
CA VAL A 200 -0.92 30.44 9.18
C VAL A 200 0.01 31.50 9.76
N ILE A 201 -0.34 32.77 9.55
CA ILE A 201 0.27 33.92 10.21
C ILE A 201 -0.85 34.77 10.77
N ASN A 202 -0.68 35.26 12.00
CA ASN A 202 -1.73 36.01 12.69
C ASN A 202 -3.06 35.26 12.63
N PHE A 203 -2.98 33.94 12.66
CA PHE A 203 -4.10 32.98 12.63
C PHE A 203 -4.83 32.95 11.30
N ARG A 204 -4.43 33.79 10.33
CA ARG A 204 -5.01 33.77 8.99
C ARG A 204 -4.19 32.85 8.09
N ARG A 205 -4.86 31.89 7.46
CA ARG A 205 -4.19 30.95 6.57
C ARG A 205 -3.40 31.69 5.49
N LEU A 206 -2.18 31.23 5.24
CA LEU A 206 -1.35 31.87 4.23
C LEU A 206 -1.98 31.70 2.86
N SER A 207 -1.92 32.77 2.07
CA SER A 207 -2.44 32.71 0.70
C SER A 207 -1.49 31.93 -0.20
N GLU A 208 -2.00 31.59 -1.38
CA GLU A 208 -1.15 30.94 -2.38
C GLU A 208 0.05 31.81 -2.74
N GLY A 209 -0.15 33.14 -2.79
CA GLY A 209 0.96 34.02 -3.06
C GLY A 209 1.96 34.05 -1.92
N ASP A 210 1.48 34.04 -0.67
CA ASP A 210 2.39 34.03 0.47
C ASP A 210 3.20 32.75 0.47
N LEU A 211 2.54 31.63 0.18
CA LEU A 211 3.23 30.34 0.15
C LEU A 211 4.32 30.34 -0.91
N PHE A 212 4.04 30.91 -2.09
CA PHE A 212 5.06 31.08 -3.13
C PHE A 212 6.27 31.85 -2.59
N THR A 213 6.01 32.99 -1.96
CA THR A 213 7.10 33.81 -1.40
C THR A 213 7.92 33.00 -0.40
N GLN A 214 7.25 32.19 0.43
CA GLN A 214 7.99 31.37 1.40
C GLN A 214 8.80 30.28 0.73
N LEU A 215 8.25 29.61 -0.27
CA LEU A 215 8.99 28.56 -0.97
C LEU A 215 10.24 29.11 -1.66
N ARG A 216 10.16 30.31 -2.24
CA ARG A 216 11.37 30.93 -2.80
C ARG A 216 12.45 31.12 -1.74
N LYS A 217 12.09 31.60 -0.54
CA LYS A 217 13.09 31.74 0.50
C LYS A 217 13.74 30.39 0.80
N ILE A 218 12.94 29.32 0.81
CA ILE A 218 13.45 28.00 1.16
C ILE A 218 14.46 27.52 0.12
N VAL A 219 14.12 27.69 -1.15
CA VAL A 219 15.02 27.25 -2.22
C VAL A 219 16.34 28.00 -2.13
N LYS A 220 16.30 29.31 -1.80
CA LYS A 220 17.54 30.06 -1.66
C LYS A 220 18.38 29.54 -0.51
N MET A 221 17.73 29.33 0.65
CA MET A 221 18.45 28.84 1.82
C MET A 221 19.05 27.47 1.57
N ALA A 222 18.28 26.59 0.91
CA ALA A 222 18.72 25.22 0.71
C ALA A 222 19.93 25.09 -0.19
N SER A 223 20.20 26.08 -1.05
CA SER A 223 21.36 26.10 -1.92
C SER A 223 22.62 26.59 -1.23
N ASN A 224 22.58 26.88 0.06
CA ASN A 224 23.71 27.51 0.73
C ASN A 224 24.63 26.43 1.30
N ALA A 225 25.84 26.31 0.75
CA ALA A 225 26.75 25.26 1.18
C ALA A 225 27.22 25.46 2.62
N ALA A 226 27.34 26.71 3.07
CA ALA A 226 27.85 26.95 4.42
C ALA A 226 26.84 26.60 5.50
N ALA A 227 25.57 26.42 5.14
CA ALA A 227 24.56 26.03 6.10
C ALA A 227 24.04 24.62 5.87
N ARG A 228 24.57 23.92 4.85
CA ARG A 228 24.07 22.58 4.51
C ARG A 228 24.30 21.57 5.64
N LEU A 229 23.24 20.87 6.00
CA LEU A 229 23.30 19.87 7.05
C LEU A 229 23.29 18.46 6.46
N PRO A 230 23.64 17.46 7.26
CA PRO A 230 23.71 16.10 6.75
C PRO A 230 22.33 15.64 6.32
N PRO A 231 22.27 14.65 5.42
CA PRO A 231 20.97 14.20 4.87
C PRO A 231 20.26 13.20 5.78
N ILE A 232 19.77 13.69 6.93
CA ILE A 232 19.19 12.84 7.96
C ILE A 232 18.00 12.05 7.47
N GLY A 233 17.26 12.57 6.50
CA GLY A 233 16.14 11.84 5.91
C GLY A 233 16.50 10.49 5.35
N LEU A 234 17.75 10.33 4.91
CA LEU A 234 18.19 9.05 4.40
C LEU A 234 18.03 7.95 5.45
N LEU A 235 18.17 8.30 6.73
CA LEU A 235 18.05 7.26 7.75
C LEU A 235 16.65 6.66 7.79
N THR A 236 15.63 7.43 7.42
CA THR A 236 14.26 6.88 7.47
C THR A 236 13.99 5.89 6.36
N SER A 237 14.92 5.76 5.41
CA SER A 237 14.73 4.84 4.29
C SER A 237 15.23 3.44 4.60
N ASP A 238 15.83 3.23 5.79
CA ASP A 238 16.50 1.98 6.12
C ASP A 238 15.52 0.99 6.73
N GLY A 239 16.03 -0.21 7.04
CA GLY A 239 15.20 -1.17 7.73
C GLY A 239 14.72 -0.59 9.04
N ARG A 240 13.58 -1.08 9.53
CA ARG A 240 12.94 -0.39 10.64
C ARG A 240 13.77 -0.52 11.91
N SER A 241 14.41 -1.67 12.14
CA SER A 241 15.24 -1.80 13.35
C SER A 241 16.51 -0.98 13.21
N GLU A 242 17.02 -0.84 11.98
CA GLU A 242 18.21 -0.02 11.75
C GLU A 242 17.92 1.44 12.02
N TRP A 243 16.77 1.93 11.56
CA TRP A 243 16.37 3.30 11.80
C TRP A 243 16.02 3.51 13.27
N ALA A 244 15.38 2.52 13.91
CA ALA A 244 15.21 2.64 15.36
C ALA A 244 16.55 2.85 16.08
N GLU A 245 17.60 2.13 15.69
CA GLU A 245 18.88 2.29 16.37
C GLU A 245 19.48 3.66 16.10
N ALA A 246 19.43 4.11 14.83
CA ALA A 246 20.02 5.41 14.48
C ALA A 246 19.24 6.53 15.14
N ARG A 247 17.91 6.42 15.18
CA ARG A 247 17.12 7.46 15.83
C ARG A 247 17.44 7.54 17.32
N THR A 248 17.65 6.39 17.96
CA THR A 248 18.03 6.44 19.38
C THR A 248 19.33 7.19 19.59
N VAL A 249 20.25 7.15 18.63
CA VAL A 249 21.49 7.94 18.77
C VAL A 249 21.15 9.42 18.66
N LEU A 250 20.31 9.76 17.67
CA LEU A 250 19.90 11.15 17.48
C LEU A 250 19.30 11.75 18.75
N VAL A 251 18.38 11.02 19.41
CA VAL A 251 17.63 11.66 20.49
C VAL A 251 18.50 11.91 21.73
N LYS A 252 19.78 11.52 21.68
CA LYS A 252 20.67 11.89 22.79
C LYS A 252 20.94 13.39 22.83
N ASP A 253 20.63 14.11 21.77
CA ASP A 253 20.86 15.54 21.68
C ASP A 253 19.54 16.31 21.61
N SER A 254 19.46 17.42 22.35
CA SER A 254 18.20 18.16 22.44
C SER A 254 17.85 18.90 21.15
N THR A 255 18.87 19.34 20.39
CA THR A 255 18.58 19.92 19.06
C THR A 255 17.90 18.90 18.16
N ASN A 256 18.47 17.70 18.07
CA ASN A 256 17.82 16.67 17.25
C ASN A 256 16.41 16.38 17.74
N ARG A 257 16.22 16.30 19.06
CA ARG A 257 14.89 16.00 19.58
C ARG A 257 13.88 17.05 19.11
N ASP A 258 14.26 18.34 19.21
CA ASP A 258 13.41 19.41 18.74
C ASP A 258 13.09 19.25 17.25
N SER A 259 14.09 18.92 16.43
CA SER A 259 13.83 18.81 15.00
C SER A 259 12.94 17.61 14.69
N LEU A 260 13.20 16.48 15.33
CA LEU A 260 12.35 15.30 15.13
C LEU A 260 10.91 15.60 15.58
N ASP A 261 10.75 16.37 16.66
CA ASP A 261 9.40 16.72 17.09
C ASP A 261 8.67 17.54 16.03
N MET A 262 9.38 18.46 15.35
CA MET A 262 8.71 19.24 14.32
C MET A 262 8.25 18.36 13.17
N ILE A 263 9.06 17.38 12.78
CA ILE A 263 8.63 16.53 11.68
C ILE A 263 7.45 15.65 12.11
N GLU A 264 7.53 15.13 13.32
CA GLU A 264 6.47 14.27 13.82
C GLU A 264 5.13 14.98 13.87
N ARG A 265 5.11 16.29 14.03
CA ARG A 265 3.89 17.03 14.21
C ARG A 265 3.47 17.83 12.98
N CYS A 266 4.15 17.68 11.85
CA CYS A 266 3.72 18.42 10.67
C CYS A 266 2.48 17.80 10.03
N ILE A 267 1.90 18.55 9.11
CA ILE A 267 0.73 18.10 8.36
C ILE A 267 1.13 17.09 7.31
N CYS A 268 2.21 17.37 6.61
CA CYS A 268 2.75 16.53 5.55
C CYS A 268 4.10 17.08 5.15
N LEU A 269 4.81 16.31 4.32
CA LEU A 269 6.01 16.79 3.66
C LEU A 269 5.67 17.27 2.25
N VAL A 270 6.38 18.31 1.79
CA VAL A 270 6.39 18.71 0.39
C VAL A 270 7.85 18.66 -0.05
N CYS A 271 8.15 17.81 -1.05
CA CYS A 271 9.52 17.53 -1.43
C CYS A 271 9.78 18.19 -2.77
N LEU A 272 10.64 19.23 -2.77
CA LEU A 272 11.01 19.93 -4.00
C LEU A 272 12.19 19.19 -4.60
N ASP A 273 11.91 18.20 -5.42
CA ASP A 273 12.95 17.33 -5.94
C ASP A 273 13.74 18.00 -7.05
N ALA A 274 14.98 17.54 -7.22
CA ALA A 274 15.84 17.98 -8.29
C ALA A 274 15.50 17.25 -9.59
N PRO A 275 15.84 17.82 -10.74
CA PRO A 275 15.62 17.10 -12.01
C PRO A 275 16.21 15.70 -11.95
N GLY A 276 15.47 14.76 -12.53
CA GLY A 276 15.86 13.36 -12.45
C GLY A 276 16.94 12.96 -13.43
N GLY A 277 17.05 13.67 -14.55
CA GLY A 277 18.06 13.38 -15.54
C GLY A 277 17.75 12.21 -16.46
N VAL A 278 16.57 11.59 -16.36
CA VAL A 278 16.18 10.50 -17.24
C VAL A 278 14.89 10.87 -17.92
N GLU A 279 14.57 10.18 -19.02
CA GLU A 279 13.33 10.47 -19.73
C GLU A 279 12.15 10.33 -18.77
N LEU A 280 11.18 11.23 -18.88
CA LEU A 280 10.11 11.24 -17.90
C LEU A 280 8.95 10.32 -18.25
N SER A 281 9.24 9.10 -18.73
CA SER A 281 8.23 8.05 -18.94
C SER A 281 7.47 7.76 -17.65
N ASP A 282 6.29 7.14 -17.79
CA ASP A 282 5.53 6.78 -16.59
C ASP A 282 6.34 5.89 -15.67
N THR A 283 7.07 4.94 -16.25
CA THR A 283 7.87 4.04 -15.43
C THR A 283 8.94 4.82 -14.65
N HIS A 284 9.62 5.77 -15.31
CA HIS A 284 10.66 6.53 -14.62
C HIS A 284 10.08 7.49 -13.58
N ARG A 285 8.93 8.12 -13.85
CA ARG A 285 8.34 8.97 -12.81
C ARG A 285 7.93 8.15 -11.61
N ALA A 286 7.44 6.93 -11.82
CA ALA A 286 7.07 6.07 -10.71
C ALA A 286 8.28 5.70 -9.87
N LEU A 287 9.44 5.43 -10.53
CA LEU A 287 10.63 5.11 -9.74
C LEU A 287 11.02 6.26 -8.83
N GLN A 288 10.98 7.50 -9.34
CA GLN A 288 11.33 8.65 -8.50
C GLN A 288 10.37 8.77 -7.32
N LEU A 289 9.09 8.44 -7.52
CA LEU A 289 8.16 8.48 -6.39
C LEU A 289 8.38 7.34 -5.41
N LEU A 290 8.79 6.15 -5.88
CA LEU A 290 8.93 4.98 -4.99
C LEU A 290 10.17 5.09 -4.12
N HIS A 291 11.32 5.56 -4.69
CA HIS A 291 12.54 5.54 -3.87
C HIS A 291 13.45 6.72 -4.19
N GLY A 292 12.98 7.70 -4.96
CA GLY A 292 13.74 8.89 -5.28
C GLY A 292 14.99 8.66 -6.11
N GLY A 293 15.19 7.45 -6.64
CA GLY A 293 16.38 7.12 -7.38
C GLY A 293 17.61 6.95 -6.51
N GLY A 294 17.43 6.83 -5.19
CA GLY A 294 18.57 6.64 -4.30
C GLY A 294 19.28 7.95 -3.92
N TYR A 295 20.29 7.81 -3.05
CA TYR A 295 20.92 9.00 -2.46
C TYR A 295 21.50 9.95 -3.50
N SER A 296 22.09 9.41 -4.57
CA SER A 296 22.70 10.27 -5.58
C SER A 296 21.70 11.12 -6.35
N LYS A 297 20.39 10.85 -6.23
CA LYS A 297 19.36 11.62 -6.92
C LYS A 297 18.52 12.29 -5.84
N ASN A 298 17.30 11.80 -5.56
CA ASN A 298 16.39 12.45 -4.63
C ASN A 298 16.04 11.58 -3.42
N GLY A 299 16.77 10.49 -3.24
CA GLY A 299 16.39 9.51 -2.22
C GLY A 299 16.49 9.98 -0.78
N ALA A 300 17.32 10.99 -0.49
CA ALA A 300 17.38 11.52 0.87
C ALA A 300 16.47 12.72 1.05
N ASN A 301 15.76 13.13 0.01
CA ASN A 301 14.88 14.30 0.11
C ASN A 301 13.50 13.86 0.57
N ARG A 302 13.47 13.14 1.68
CA ARG A 302 12.32 12.32 2.07
C ARG A 302 12.31 12.17 3.59
N TRP A 303 11.16 11.77 4.14
CA TRP A 303 11.04 11.37 5.54
C TRP A 303 9.94 10.32 5.57
N TYR A 304 10.32 9.04 5.46
CA TYR A 304 9.33 8.00 5.16
C TYR A 304 8.38 7.69 6.33
N ASP A 305 8.70 8.12 7.53
CA ASP A 305 7.79 7.88 8.66
C ASP A 305 6.51 8.71 8.57
N LYS A 306 6.51 9.83 7.84
CA LYS A 306 5.35 10.72 7.77
C LYS A 306 4.39 10.21 6.69
N SER A 307 3.07 10.26 6.95
CA SER A 307 2.16 9.48 6.12
C SER A 307 2.07 10.00 4.69
N LEU A 308 2.17 11.33 4.48
CA LEU A 308 2.07 11.83 3.10
C LEU A 308 3.27 12.71 2.79
N GLN A 309 3.98 12.35 1.70
CA GLN A 309 5.10 13.15 1.20
C GLN A 309 4.74 13.55 -0.23
N PHE A 310 4.28 14.77 -0.42
CA PHE A 310 3.98 15.23 -1.77
C PHE A 310 5.30 15.57 -2.44
N VAL A 311 5.51 15.09 -3.66
CA VAL A 311 6.72 15.40 -4.42
C VAL A 311 6.35 16.34 -5.54
N VAL A 312 7.07 17.45 -5.68
CA VAL A 312 6.85 18.39 -6.76
C VAL A 312 8.24 18.64 -7.33
N GLY A 313 8.60 17.90 -8.37
CA GLY A 313 9.95 17.92 -8.86
C GLY A 313 10.17 19.06 -9.84
N ARG A 314 11.43 19.52 -9.90
CA ARG A 314 11.74 20.65 -10.77
C ARG A 314 11.38 20.37 -12.22
N ASP A 315 11.46 19.11 -12.65
CA ASP A 315 11.20 18.75 -14.04
C ASP A 315 9.76 18.34 -14.30
N GLY A 316 8.86 18.48 -13.31
CA GLY A 316 7.46 18.18 -13.52
C GLY A 316 7.03 16.80 -13.07
N THR A 317 7.93 16.00 -12.49
CA THR A 317 7.56 14.76 -11.83
C THR A 317 6.90 15.08 -10.49
N CYS A 318 5.61 14.77 -10.35
CA CYS A 318 4.86 15.08 -9.15
C CYS A 318 4.07 13.86 -8.71
N GLY A 319 3.87 13.71 -7.40
CA GLY A 319 3.01 12.65 -6.93
C GLY A 319 3.03 12.65 -5.43
N VAL A 320 2.61 11.55 -4.80
CA VAL A 320 2.65 11.50 -3.34
C VAL A 320 3.12 10.10 -2.94
N VAL A 321 4.04 10.04 -1.99
CA VAL A 321 4.48 8.78 -1.39
C VAL A 321 3.72 8.60 -0.09
N CYS A 322 3.15 7.41 0.11
CA CYS A 322 2.21 7.17 1.22
C CYS A 322 2.75 6.15 2.19
N GLU A 323 2.78 6.48 3.48
CA GLU A 323 3.04 5.48 4.51
C GLU A 323 1.66 4.91 4.81
N HIS A 324 1.42 3.65 4.50
N HIS A 324 1.52 3.60 4.56
CA HIS A 324 0.00 3.31 4.51
CA HIS A 324 0.25 2.90 4.44
C HIS A 324 -0.44 2.56 5.77
C HIS A 324 -0.43 2.62 5.78
N SER A 325 0.29 2.69 6.89
CA SER A 325 -0.27 2.13 8.11
C SER A 325 -1.55 2.79 8.58
N PRO A 326 -1.81 4.10 8.35
CA PRO A 326 -3.04 4.72 8.87
C PRO A 326 -4.24 4.76 7.93
N PHE A 327 -4.09 4.41 6.65
CA PHE A 327 -5.21 4.49 5.70
C PHE A 327 -4.93 3.63 4.49
N ASP A 328 -6.00 3.23 3.81
CA ASP A 328 -5.82 2.42 2.61
C ASP A 328 -6.02 3.26 1.34
N GLY A 329 -6.04 2.57 0.18
CA GLY A 329 -5.89 3.26 -1.08
C GLY A 329 -7.11 4.03 -1.55
N ILE A 330 -8.29 3.57 -1.22
CA ILE A 330 -9.50 4.29 -1.64
C ILE A 330 -9.54 5.69 -1.02
N VAL A 331 -9.31 5.77 0.27
CA VAL A 331 -9.35 7.07 0.94
C VAL A 331 -8.23 7.96 0.43
N LEU A 332 -7.03 7.39 0.22
CA LEU A 332 -5.92 8.20 -0.27
C LEU A 332 -6.26 8.80 -1.63
N VAL A 333 -6.87 8.00 -2.51
CA VAL A 333 -7.16 8.52 -3.83
C VAL A 333 -8.30 9.54 -3.76
N GLN A 334 -9.27 9.34 -2.88
CA GLN A 334 -10.29 10.38 -2.72
C GLN A 334 -9.64 11.71 -2.35
N CYS A 335 -8.69 11.67 -1.43
CA CYS A 335 -8.03 12.89 -1.01
C CYS A 335 -7.24 13.49 -2.17
N THR A 336 -6.43 12.66 -2.83
N THR A 336 -6.42 12.68 -2.86
CA THR A 336 -5.58 13.13 -3.92
CA THR A 336 -5.58 13.28 -3.91
C THR A 336 -6.40 13.74 -5.04
C THR A 336 -6.40 13.75 -5.10
N GLU A 337 -7.47 13.04 -5.47
CA GLU A 337 -8.30 13.58 -6.53
C GLU A 337 -8.93 14.91 -6.14
N HIS A 338 -9.30 15.07 -4.88
CA HIS A 338 -9.88 16.34 -4.44
C HIS A 338 -8.85 17.46 -4.54
N LEU A 339 -7.63 17.20 -4.07
CA LEU A 339 -6.55 18.18 -4.18
C LEU A 339 -6.33 18.59 -5.63
N LEU A 340 -6.18 17.61 -6.54
CA LEU A 340 -5.90 17.94 -7.94
C LEU A 340 -7.05 18.72 -8.58
N LYS A 341 -8.29 18.35 -8.27
CA LYS A 341 -9.40 19.10 -8.84
C LYS A 341 -9.47 20.51 -8.27
N HIS A 342 -9.12 20.67 -6.99
CA HIS A 342 -9.12 21.99 -6.35
C HIS A 342 -8.11 22.92 -6.99
N MET A 343 -6.98 22.35 -7.47
CA MET A 343 -5.94 23.13 -8.13
C MET A 343 -6.41 23.68 -9.47
N THR A 344 -7.45 23.07 -10.05
CA THR A 344 -8.02 23.61 -11.27
C THR A 344 -8.79 24.91 -11.01
N GLN A 345 -9.41 25.03 -9.84
CA GLN A 345 -10.21 26.21 -9.49
C GLN A 345 -9.35 27.35 -8.89
N LEU A 356 5.79 38.43 7.45
CA LEU A 356 6.06 37.06 6.99
C LEU A 356 7.49 36.61 7.33
N PRO A 357 7.65 35.91 8.44
CA PRO A 357 8.99 35.48 8.86
C PRO A 357 9.51 34.38 7.96
N ALA A 358 10.82 34.19 8.02
CA ALA A 358 11.44 33.22 7.13
C ALA A 358 11.20 31.81 7.64
N PRO A 359 10.99 30.85 6.74
CA PRO A 359 10.92 29.45 7.17
C PRO A 359 12.22 29.07 7.88
N ARG A 360 12.09 28.14 8.81
CA ARG A 360 13.16 27.77 9.73
C ARG A 360 13.75 26.43 9.30
N ARG A 361 15.06 26.41 9.01
CA ARG A 361 15.74 25.14 8.78
C ARG A 361 15.80 24.33 10.08
N LEU A 362 15.53 23.02 9.98
CA LEU A 362 15.70 22.14 11.12
C LEU A 362 17.18 21.81 11.29
N ARG A 363 17.71 22.09 12.47
CA ARG A 363 19.11 21.83 12.74
C ARG A 363 19.32 20.40 13.23
N TRP A 364 20.56 19.92 13.05
CA TRP A 364 20.95 18.59 13.47
C TRP A 364 22.34 18.67 14.08
N LYS A 365 22.56 17.86 15.11
CA LYS A 365 23.87 17.71 15.76
C LYS A 365 24.27 16.25 15.57
N CYS A 366 25.23 16.03 14.68
CA CYS A 366 25.64 14.69 14.29
C CYS A 366 27.00 14.35 14.89
N SER A 367 27.37 13.11 14.70
CA SER A 367 28.58 12.55 15.25
C SER A 367 29.22 11.67 14.18
N PRO A 368 30.45 11.21 14.39
CA PRO A 368 30.95 10.15 13.51
C PRO A 368 30.08 8.91 13.57
N GLU A 369 29.43 8.68 14.72
CA GLU A 369 28.48 7.58 14.82
C GLU A 369 27.36 7.73 13.80
N ILE A 370 26.78 8.93 13.69
CA ILE A 370 25.70 9.17 12.73
C ILE A 370 26.21 9.12 11.30
N GLN A 371 27.42 9.62 11.07
CA GLN A 371 27.95 9.52 9.71
C GLN A 371 28.05 8.07 9.27
N GLY A 372 28.42 7.15 10.19
CA GLY A 372 28.42 5.73 9.85
C GLY A 372 27.04 5.21 9.47
N HIS A 373 26.04 5.63 10.23
CA HIS A 373 24.67 5.26 9.94
C HIS A 373 24.22 5.78 8.59
N LEU A 374 24.66 6.99 8.22
CA LEU A 374 24.26 7.57 6.94
C LEU A 374 24.84 6.78 5.77
N ALA A 375 26.14 6.45 5.86
CA ALA A 375 26.78 5.62 4.84
C ALA A 375 26.08 4.27 4.70
N SER A 376 25.76 3.62 5.83
N SER A 376 25.77 3.62 5.83
CA SER A 376 25.08 2.34 5.74
CA SER A 376 25.07 2.35 5.76
C SER A 376 23.71 2.51 5.10
C SER A 376 23.73 2.52 5.08
N SER A 377 22.97 3.54 5.49
CA SER A 377 21.64 3.75 4.92
C SER A 377 21.72 4.04 3.42
N ALA A 378 22.72 4.81 2.95
CA ALA A 378 22.85 5.05 1.52
C ALA A 378 23.08 3.76 0.76
N GLU A 379 23.94 2.88 1.30
CA GLU A 379 24.25 1.59 0.68
C GLU A 379 23.01 0.69 0.62
N LYS A 380 22.29 0.59 1.75
CA LYS A 380 21.07 -0.23 1.78
C LYS A 380 20.03 0.30 0.81
N LEU A 381 19.89 1.64 0.72
CA LEU A 381 18.86 2.13 -0.19
C LEU A 381 19.25 1.86 -1.64
N GLN A 382 20.55 1.91 -1.93
CA GLN A 382 20.99 1.63 -3.28
C GLN A 382 20.69 0.19 -3.67
N ARG A 383 20.75 -0.75 -2.72
CA ARG A 383 20.39 -2.13 -3.02
C ARG A 383 18.91 -2.25 -3.40
N ILE A 384 18.05 -1.45 -2.77
CA ILE A 384 16.63 -1.45 -3.11
C ILE A 384 16.41 -0.85 -4.50
N VAL A 385 17.05 0.30 -4.78
CA VAL A 385 16.97 0.91 -6.12
C VAL A 385 17.39 -0.08 -7.20
N LYS A 386 18.53 -0.74 -7.02
CA LYS A 386 18.98 -1.64 -8.07
C LYS A 386 18.14 -2.90 -8.16
N ASN A 387 17.55 -3.34 -7.03
CA ASN A 387 16.80 -4.59 -7.02
C ASN A 387 15.41 -4.46 -7.63
N LEU A 388 14.83 -3.27 -7.67
CA LEU A 388 13.44 -3.17 -8.13
C LEU A 388 13.36 -3.34 -9.64
N ASP A 389 12.50 -4.26 -10.08
CA ASP A 389 12.18 -4.45 -11.49
C ASP A 389 10.74 -3.96 -11.65
N PHE A 390 10.58 -2.83 -12.36
CA PHE A 390 9.26 -2.15 -12.34
C PHE A 390 8.87 -1.80 -13.75
N ILE A 391 7.62 -2.08 -14.09
CA ILE A 391 7.10 -1.69 -15.40
C ILE A 391 5.68 -1.13 -15.28
N VAL A 392 5.41 -0.03 -16.00
CA VAL A 392 4.03 0.42 -16.19
C VAL A 392 3.63 -0.06 -17.57
N TYR A 393 2.56 -0.88 -17.63
CA TYR A 393 2.09 -1.46 -18.88
C TYR A 393 0.64 -1.06 -19.06
N LYS A 394 0.34 -0.41 -20.21
CA LYS A 394 -1.00 0.02 -20.52
C LYS A 394 -1.60 -0.97 -21.51
N PHE A 395 -2.54 -1.77 -21.04
CA PHE A 395 -3.28 -2.67 -21.93
C PHE A 395 -4.33 -1.84 -22.65
N ASP A 396 -4.26 -1.80 -24.00
CA ASP A 396 -5.14 -0.88 -24.69
C ASP A 396 -6.14 -1.56 -25.61
N ASN A 397 -6.29 -2.88 -25.55
CA ASN A 397 -7.25 -3.47 -26.49
C ASN A 397 -8.69 -3.29 -26.01
N TYR A 398 -8.91 -3.29 -24.70
CA TYR A 398 -10.24 -3.08 -24.14
C TYR A 398 -10.10 -2.83 -22.66
N GLY A 399 -11.22 -2.47 -22.04
CA GLY A 399 -11.29 -2.32 -20.59
C GLY A 399 -12.63 -2.67 -20.03
N LYS A 400 -13.13 -1.83 -19.11
CA LYS A 400 -14.39 -2.14 -18.42
C LYS A 400 -15.56 -2.32 -19.38
N THR A 401 -15.70 -1.49 -20.42
CA THR A 401 -16.89 -1.60 -21.25
C THR A 401 -17.02 -2.99 -21.84
N PHE A 402 -15.93 -3.51 -22.42
CA PHE A 402 -15.99 -4.86 -22.96
C PHE A 402 -16.30 -5.90 -21.88
N ILE A 403 -15.65 -5.77 -20.72
CA ILE A 403 -15.84 -6.77 -19.68
C ILE A 403 -17.28 -6.82 -19.22
N LYS A 404 -17.90 -5.65 -19.02
CA LYS A 404 -19.28 -5.65 -18.55
C LYS A 404 -20.22 -6.26 -19.58
N LYS A 405 -19.87 -6.16 -20.87
CA LYS A 405 -20.68 -6.82 -21.89
C LYS A 405 -20.59 -8.34 -21.85
N GLN A 406 -19.73 -8.89 -20.97
CA GLN A 406 -19.64 -10.34 -20.78
C GLN A 406 -20.29 -10.78 -19.50
N LYS A 407 -21.07 -9.88 -18.87
CA LYS A 407 -21.77 -10.16 -17.61
C LYS A 407 -20.77 -10.48 -16.51
N CYS A 408 -19.65 -9.76 -16.51
CA CYS A 408 -18.58 -9.99 -15.52
C CYS A 408 -18.25 -8.70 -14.81
N SER A 409 -17.93 -8.78 -13.54
CA SER A 409 -17.32 -7.62 -12.94
C SER A 409 -15.89 -7.39 -13.44
N PRO A 410 -15.48 -6.13 -13.72
CA PRO A 410 -14.12 -5.88 -14.20
C PRO A 410 -13.10 -6.37 -13.22
N ASP A 411 -13.31 -6.14 -11.93
CA ASP A 411 -12.29 -6.59 -10.98
C ASP A 411 -12.12 -8.10 -11.03
N ALA A 412 -13.24 -8.86 -11.05
CA ALA A 412 -13.09 -10.31 -11.02
C ALA A 412 -12.45 -10.83 -12.29
N PHE A 413 -12.82 -10.24 -13.42
CA PHE A 413 -12.23 -10.62 -14.70
C PHE A 413 -10.74 -10.41 -14.66
N ILE A 414 -10.29 -9.24 -14.18
CA ILE A 414 -8.86 -8.95 -14.17
C ILE A 414 -8.12 -9.84 -13.16
N GLN A 415 -8.77 -10.18 -12.04
CA GLN A 415 -8.09 -11.07 -11.10
C GLN A 415 -7.90 -12.46 -11.69
N VAL A 416 -8.89 -12.94 -12.47
CA VAL A 416 -8.69 -14.24 -13.14
C VAL A 416 -7.60 -14.13 -14.20
N ALA A 417 -7.54 -13.00 -14.91
CA ALA A 417 -6.45 -12.83 -15.88
C ALA A 417 -5.10 -12.88 -15.22
N LEU A 418 -4.96 -12.31 -14.03
CA LEU A 418 -3.66 -12.37 -13.34
C LEU A 418 -3.31 -13.78 -12.92
N GLN A 419 -4.30 -14.58 -12.52
CA GLN A 419 -4.02 -15.98 -12.23
C GLN A 419 -3.54 -16.71 -13.47
N LEU A 420 -4.19 -16.48 -14.62
CA LEU A 420 -3.76 -17.13 -15.86
C LEU A 420 -2.36 -16.66 -16.26
N ALA A 421 -2.06 -15.37 -16.05
CA ALA A 421 -0.73 -14.85 -16.39
C ALA A 421 0.33 -15.53 -15.52
N PHE A 422 0.08 -15.61 -14.23
CA PHE A 422 1.05 -16.26 -13.37
C PHE A 422 1.21 -17.72 -13.75
N TYR A 423 0.11 -18.43 -13.98
CA TYR A 423 0.22 -19.86 -14.29
C TYR A 423 0.96 -20.10 -15.61
N ARG A 424 0.66 -19.32 -16.65
CA ARG A 424 1.29 -19.62 -17.95
C ARG A 424 2.78 -19.34 -17.91
N LEU A 425 3.22 -18.43 -17.05
CA LEU A 425 4.66 -18.09 -16.94
C LEU A 425 5.37 -19.02 -15.97
N HIS A 426 4.74 -19.35 -14.84
CA HIS A 426 5.41 -20.07 -13.75
C HIS A 426 4.91 -21.49 -13.50
N ARG A 427 3.83 -21.90 -14.17
CA ARG A 427 3.35 -23.26 -14.22
C ARG A 427 2.82 -23.77 -12.87
N ARG A 428 2.42 -22.84 -11.97
CA ARG A 428 1.70 -23.17 -10.74
C ARG A 428 0.91 -21.92 -10.38
N LEU A 429 -0.13 -22.10 -9.53
CA LEU A 429 -0.71 -20.98 -8.82
C LEU A 429 -0.04 -20.87 -7.44
N VAL A 430 -0.18 -19.68 -6.85
CA VAL A 430 0.45 -19.38 -5.56
C VAL A 430 -0.55 -18.64 -4.71
N PRO A 431 -0.36 -18.65 -3.40
CA PRO A 431 -1.14 -17.75 -2.55
C PRO A 431 -1.08 -16.31 -3.02
N THR A 432 -2.26 -15.75 -3.27
CA THR A 432 -2.48 -14.45 -3.89
C THR A 432 -3.24 -13.58 -2.90
N TYR A 433 -2.80 -12.34 -2.78
CA TYR A 433 -3.48 -11.34 -1.96
C TYR A 433 -4.21 -10.32 -2.84
N GLU A 434 -5.42 -9.96 -2.44
CA GLU A 434 -6.13 -8.82 -3.02
C GLU A 434 -6.85 -8.14 -1.86
N SER A 435 -6.63 -6.84 -1.68
CA SER A 435 -7.33 -6.15 -0.62
C SER A 435 -8.82 -6.04 -0.87
N ALA A 436 -9.63 -6.29 0.18
CA ALA A 436 -11.08 -6.09 0.18
C ALA A 436 -11.42 -5.11 1.28
N SER A 437 -12.07 -3.99 0.97
CA SER A 437 -12.42 -3.07 2.05
C SER A 437 -13.50 -3.60 2.98
N ILE A 438 -13.26 -3.51 4.30
CA ILE A 438 -14.26 -3.82 5.32
C ILE A 438 -14.69 -2.53 6.05
N ARG A 439 -14.69 -1.43 5.29
CA ARG A 439 -15.15 -0.13 5.81
C ARG A 439 -16.66 -0.11 6.07
N ARG A 440 -17.42 -1.13 5.67
CA ARG A 440 -18.79 -1.19 6.17
C ARG A 440 -18.87 -1.26 7.69
N PHE A 441 -17.78 -1.67 8.36
CA PHE A 441 -17.80 -1.94 9.78
C PHE A 441 -16.96 -0.89 10.52
N GLN A 442 -17.26 -0.70 11.79
CA GLN A 442 -16.48 0.23 12.64
C GLN A 442 -14.98 0.02 12.50
N GLU A 443 -14.25 1.12 12.25
CA GLU A 443 -12.79 1.10 12.13
C GLU A 443 -12.29 0.16 11.06
N GLY A 444 -13.15 -0.23 10.10
CA GLY A 444 -12.74 -1.31 9.21
C GLY A 444 -11.62 -0.86 8.31
N ARG A 445 -10.63 -1.75 8.13
CA ARG A 445 -9.57 -1.55 7.16
C ARG A 445 -9.81 -2.52 6.01
N VAL A 446 -9.07 -3.64 5.92
CA VAL A 446 -9.25 -4.57 4.81
C VAL A 446 -9.22 -6.00 5.31
N ASP A 447 -9.76 -6.91 4.48
CA ASP A 447 -9.48 -8.35 4.65
C ASP A 447 -8.97 -8.82 3.28
N ASN A 448 -8.57 -10.09 3.17
CA ASN A 448 -7.96 -10.63 1.96
C ASN A 448 -8.96 -11.42 1.12
N ILE A 449 -8.97 -11.15 -0.18
CA ILE A 449 -9.63 -12.01 -1.16
C ILE A 449 -8.58 -12.97 -1.70
N ARG A 450 -8.79 -14.28 -1.53
CA ARG A 450 -7.82 -15.28 -1.98
C ARG A 450 -8.14 -15.70 -3.43
N SER A 451 -7.53 -14.98 -4.38
CA SER A 451 -7.94 -15.19 -5.78
C SER A 451 -7.38 -16.45 -6.40
N ALA A 452 -6.49 -17.19 -5.72
CA ALA A 452 -6.01 -18.45 -6.29
C ALA A 452 -6.97 -19.59 -5.97
N THR A 453 -8.17 -19.49 -6.49
CA THR A 453 -9.25 -20.42 -6.15
C THR A 453 -9.13 -21.75 -6.88
N PRO A 454 -9.82 -22.78 -6.39
CA PRO A 454 -9.84 -24.06 -7.14
C PRO A 454 -10.39 -23.88 -8.53
N GLU A 455 -11.36 -22.95 -8.68
CA GLU A 455 -11.93 -22.70 -10.00
C GLU A 455 -10.96 -22.00 -10.92
N ALA A 456 -10.15 -21.08 -10.38
CA ALA A 456 -9.09 -20.49 -11.19
C ALA A 456 -8.13 -21.56 -11.66
N LEU A 457 -7.78 -22.52 -10.79
CA LEU A 457 -6.84 -23.56 -11.21
C LEU A 457 -7.42 -24.39 -12.36
N ALA A 458 -8.68 -24.80 -12.24
CA ALA A 458 -9.26 -25.58 -13.33
C ALA A 458 -9.18 -24.83 -14.65
N PHE A 459 -9.47 -23.52 -14.61
CA PHE A 459 -9.45 -22.70 -15.83
C PHE A 459 -8.05 -22.60 -16.41
N VAL A 460 -7.06 -22.24 -15.59
CA VAL A 460 -5.73 -22.01 -16.17
C VAL A 460 -5.10 -23.30 -16.64
N ARG A 461 -5.36 -24.44 -15.99
CA ARG A 461 -4.89 -25.73 -16.50
C ARG A 461 -5.50 -26.03 -17.86
N ALA A 462 -6.82 -25.78 -18.01
CA ALA A 462 -7.47 -26.06 -19.30
C ALA A 462 -6.89 -25.20 -20.41
N VAL A 463 -6.59 -23.93 -20.09
CA VAL A 463 -6.07 -23.02 -21.13
C VAL A 463 -4.69 -23.43 -21.58
N THR A 464 -3.83 -23.80 -20.62
CA THR A 464 -2.41 -23.96 -20.90
C THR A 464 -2.01 -25.38 -21.30
N ASP A 465 -2.80 -26.40 -20.96
CA ASP A 465 -2.40 -27.80 -21.21
C ASP A 465 -2.88 -28.20 -22.60
N HIS A 466 -2.06 -27.86 -23.63
CA HIS A 466 -2.54 -28.09 -25.00
C HIS A 466 -2.82 -29.56 -25.28
N LYS A 467 -2.11 -30.47 -24.57
CA LYS A 467 -2.29 -31.90 -24.79
C LYS A 467 -3.70 -32.34 -24.41
N ALA A 468 -4.25 -31.75 -23.34
CA ALA A 468 -5.58 -32.09 -22.89
C ALA A 468 -6.61 -31.73 -23.94
N ALA A 469 -6.31 -30.74 -24.78
CA ALA A 469 -7.16 -30.42 -25.91
C ALA A 469 -8.58 -30.09 -25.47
N VAL A 470 -8.69 -29.31 -24.38
CA VAL A 470 -10.02 -28.94 -23.90
C VAL A 470 -10.68 -28.04 -24.93
N PRO A 471 -11.92 -28.30 -25.32
CA PRO A 471 -12.58 -27.43 -26.31
C PRO A 471 -12.70 -26.00 -25.80
N ALA A 472 -12.61 -25.04 -26.74
CA ALA A 472 -12.81 -23.65 -26.30
C ALA A 472 -14.14 -23.45 -25.62
N SER A 473 -15.18 -24.16 -26.03
CA SER A 473 -16.49 -23.96 -25.37
C SER A 473 -16.42 -24.30 -23.90
N GLU A 474 -15.68 -25.36 -23.58
CA GLU A 474 -15.45 -25.78 -22.18
C GLU A 474 -14.53 -24.81 -21.45
N LYS A 475 -13.48 -24.31 -22.11
CA LYS A 475 -12.66 -23.29 -21.49
C LYS A 475 -13.51 -22.07 -21.11
N LEU A 476 -14.46 -21.69 -21.96
CA LEU A 476 -15.31 -20.55 -21.65
C LEU A 476 -16.18 -20.84 -20.41
N LEU A 477 -16.75 -22.04 -20.30
CA LEU A 477 -17.47 -22.40 -19.07
C LEU A 477 -16.58 -22.32 -17.86
N LEU A 478 -15.34 -22.80 -17.98
CA LEU A 478 -14.42 -22.72 -16.84
C LEU A 478 -14.05 -21.26 -16.52
N LEU A 479 -13.95 -20.41 -17.56
N LEU A 479 -13.92 -20.42 -17.55
CA LEU A 479 -13.63 -19.01 -17.34
CA LEU A 479 -13.64 -19.01 -17.33
C LEU A 479 -14.73 -18.32 -16.56
C LEU A 479 -14.74 -18.38 -16.51
N LYS A 480 -15.98 -18.55 -16.95
CA LYS A 480 -17.08 -17.92 -16.24
C LYS A 480 -17.25 -18.50 -14.85
N ASP A 481 -16.96 -19.79 -14.65
CA ASP A 481 -17.01 -20.33 -13.27
C ASP A 481 -15.88 -19.75 -12.41
N ALA A 482 -14.70 -19.49 -12.98
CA ALA A 482 -13.66 -18.83 -12.19
C ALA A 482 -14.06 -17.39 -11.85
N ILE A 483 -14.66 -16.67 -12.80
CA ILE A 483 -15.10 -15.31 -12.48
C ILE A 483 -16.21 -15.34 -11.43
N ARG A 484 -17.10 -16.31 -11.51
CA ARG A 484 -18.15 -16.45 -10.50
C ARG A 484 -17.54 -16.73 -9.13
N ALA A 485 -16.56 -17.62 -9.05
CA ALA A 485 -15.94 -17.90 -7.75
C ALA A 485 -15.18 -16.70 -7.22
N GLN A 486 -14.51 -15.94 -8.08
CA GLN A 486 -13.81 -14.72 -7.68
C GLN A 486 -14.78 -13.69 -7.14
N THR A 487 -15.92 -13.51 -7.83
CA THR A 487 -16.92 -12.56 -7.38
C THR A 487 -17.48 -12.98 -6.00
N ALA A 488 -17.68 -14.28 -5.81
CA ALA A 488 -18.24 -14.79 -4.56
C ALA A 488 -17.27 -14.57 -3.43
N TYR A 489 -16.00 -14.80 -3.70
CA TYR A 489 -15.03 -14.57 -2.60
C TYR A 489 -15.00 -13.10 -2.25
N THR A 490 -15.08 -12.23 -3.25
CA THR A 490 -15.06 -10.80 -2.99
C THR A 490 -16.23 -10.37 -2.11
N VAL A 491 -17.47 -10.83 -2.42
CA VAL A 491 -18.64 -10.55 -1.57
C VAL A 491 -18.41 -11.09 -0.16
N MET A 492 -17.87 -12.31 -0.07
CA MET A 492 -17.56 -12.88 1.25
C MET A 492 -16.63 -11.98 2.02
N ALA A 493 -15.57 -11.51 1.39
CA ALA A 493 -14.59 -10.73 2.13
C ALA A 493 -15.15 -9.37 2.55
N ILE A 494 -15.81 -8.65 1.64
CA ILE A 494 -16.26 -7.30 2.02
C ILE A 494 -17.38 -7.32 3.07
N THR A 495 -18.07 -8.47 3.27
CA THR A 495 -19.10 -8.61 4.29
C THR A 495 -18.56 -9.20 5.58
N GLY A 496 -17.23 -9.32 5.69
CA GLY A 496 -16.59 -9.76 6.93
C GLY A 496 -16.65 -11.25 7.12
N MET A 497 -16.89 -12.03 6.07
CA MET A 497 -17.06 -13.46 6.21
C MET A 497 -15.90 -14.28 5.68
N ALA A 498 -14.79 -13.63 5.29
CA ALA A 498 -13.66 -14.40 4.76
C ALA A 498 -12.80 -14.86 5.92
N ILE A 499 -11.55 -15.25 5.65
CA ILE A 499 -10.86 -16.02 6.70
C ILE A 499 -9.62 -15.37 7.31
N ASP A 500 -8.91 -14.49 6.58
CA ASP A 500 -7.57 -14.12 7.04
C ASP A 500 -7.63 -13.38 8.37
N ASN A 501 -8.52 -12.39 8.50
CA ASN A 501 -8.59 -11.67 9.80
C ASN A 501 -9.05 -12.59 10.93
N HIS A 502 -9.98 -13.48 10.62
CA HIS A 502 -10.44 -14.41 11.66
C HIS A 502 -9.31 -15.29 12.15
N LEU A 503 -8.56 -15.92 11.23
CA LEU A 503 -7.42 -16.77 11.64
C LEU A 503 -6.38 -15.94 12.38
N LEU A 504 -6.10 -14.71 11.92
CA LEU A 504 -5.11 -13.87 12.63
C LEU A 504 -5.50 -13.67 14.08
N ALA A 505 -6.79 -13.34 14.33
CA ALA A 505 -7.23 -13.11 15.72
C ALA A 505 -7.22 -14.39 16.57
N LEU A 506 -7.62 -15.54 15.99
CA LEU A 506 -7.49 -16.79 16.74
C LEU A 506 -6.03 -17.04 17.09
N ARG A 507 -5.12 -16.80 16.15
CA ARG A 507 -3.69 -17.00 16.40
C ARG A 507 -3.22 -16.12 17.54
N GLU A 508 -3.56 -14.82 17.49
CA GLU A 508 -3.02 -13.93 18.53
C GLU A 508 -3.71 -14.13 19.86
N LEU A 509 -4.99 -14.52 19.85
CA LEU A 509 -5.59 -14.93 21.14
C LEU A 509 -4.94 -16.20 21.69
N ALA A 510 -4.54 -17.13 20.81
CA ALA A 510 -3.78 -18.31 21.30
C ALA A 510 -2.46 -17.87 21.89
N ARG A 511 -1.77 -16.92 21.23
CA ARG A 511 -0.44 -16.50 21.74
C ARG A 511 -0.56 -15.88 23.12
N ALA A 512 -1.68 -15.18 23.38
CA ALA A 512 -1.92 -14.62 24.71
C ALA A 512 -2.13 -15.70 25.77
N MET A 513 -2.63 -16.85 25.39
CA MET A 513 -2.76 -17.97 26.33
C MET A 513 -1.40 -18.60 26.63
N CYS A 514 -0.60 -18.77 25.59
CA CYS A 514 0.66 -19.50 25.67
C CYS A 514 1.53 -19.06 24.51
N ALA A 515 2.80 -18.79 24.80
CA ALA A 515 3.66 -18.34 23.70
C ALA A 515 3.95 -19.42 22.66
N ALA A 516 3.79 -20.68 23.02
CA ALA A 516 3.85 -21.77 22.03
C ALA A 516 2.53 -21.86 21.31
N LEU A 517 2.56 -21.48 20.04
CA LEU A 517 1.35 -21.50 19.23
C LEU A 517 0.92 -22.93 18.97
N PRO A 518 -0.37 -23.16 18.77
CA PRO A 518 -0.81 -24.53 18.52
C PRO A 518 -0.41 -24.94 17.11
N GLU A 519 -0.45 -26.27 16.90
CA GLU A 519 -0.04 -26.83 15.62
C GLU A 519 -0.75 -26.19 14.46
N MET A 520 -2.00 -25.77 14.65
CA MET A 520 -2.77 -25.12 13.59
C MET A 520 -1.98 -24.00 12.93
N PHE A 521 -1.26 -23.21 13.74
CA PHE A 521 -0.60 -22.03 13.21
C PHE A 521 0.90 -22.22 13.03
N MET A 522 1.45 -23.35 13.46
CA MET A 522 2.83 -23.69 13.16
C MET A 522 2.98 -24.52 11.89
N ASP A 523 1.86 -25.07 11.42
CA ASP A 523 1.79 -25.88 10.23
C ASP A 523 2.37 -25.14 9.04
N GLU A 524 3.21 -25.85 8.27
CA GLU A 524 3.79 -25.25 7.08
C GLU A 524 2.72 -24.78 6.08
N THR A 525 1.56 -25.47 6.02
CA THR A 525 0.47 -24.99 5.15
C THR A 525 0.00 -23.60 5.56
N TYR A 526 -0.13 -23.34 6.86
CA TYR A 526 -0.56 -22.01 7.31
C TYR A 526 0.52 -20.97 7.01
N LEU A 527 1.78 -21.29 7.29
CA LEU A 527 2.84 -20.32 6.95
C LEU A 527 2.89 -20.03 5.45
N MET A 528 2.83 -21.10 4.63
N MET A 528 2.79 -21.07 4.62
CA MET A 528 2.80 -20.92 3.16
CA MET A 528 2.88 -20.81 3.18
C MET A 528 1.67 -20.01 2.76
C MET A 528 1.63 -20.13 2.66
N SER A 529 0.50 -20.23 3.39
CA SER A 529 -0.73 -19.57 2.97
C SER A 529 -0.63 -18.06 3.07
N ASN A 530 0.32 -17.51 3.85
CA ASN A 530 0.39 -16.10 4.10
C ASN A 530 1.62 -15.46 3.48
N ARG A 531 2.33 -16.20 2.59
CA ARG A 531 3.43 -15.65 1.78
C ARG A 531 2.84 -15.37 0.40
N PHE A 532 2.53 -14.11 0.18
CA PHE A 532 1.75 -13.71 -1.00
C PHE A 532 2.68 -13.42 -2.16
N VAL A 533 2.98 -14.48 -2.94
CA VAL A 533 3.90 -14.41 -4.07
C VAL A 533 3.27 -13.52 -5.15
N LEU A 534 1.96 -13.46 -5.21
CA LEU A 534 1.29 -12.44 -6.03
C LEU A 534 0.49 -11.56 -5.11
N SER A 535 0.83 -10.28 -5.05
CA SER A 535 0.17 -9.34 -4.17
C SER A 535 -0.45 -8.26 -5.02
N THR A 536 -1.77 -8.10 -4.95
CA THR A 536 -2.48 -7.28 -5.94
C THR A 536 -3.42 -6.26 -5.29
N SER A 537 -3.78 -5.23 -6.06
CA SER A 537 -4.94 -4.44 -5.67
C SER A 537 -5.43 -3.64 -6.85
N GLN A 538 -6.72 -3.30 -6.81
CA GLN A 538 -7.31 -2.43 -7.81
C GLN A 538 -7.38 -1.04 -7.18
N VAL A 539 -6.80 -0.06 -7.86
CA VAL A 539 -6.92 1.35 -7.45
C VAL A 539 -7.42 2.15 -8.64
N PRO A 540 -8.72 2.27 -8.78
CA PRO A 540 -9.30 3.04 -9.90
C PRO A 540 -9.16 4.53 -9.65
N THR A 541 -8.91 5.26 -10.73
CA THR A 541 -8.84 6.71 -10.59
C THR A 541 -9.67 7.32 -11.69
N THR A 542 -9.98 8.60 -11.50
CA THR A 542 -10.81 9.34 -12.45
C THR A 542 -9.98 10.27 -13.32
N THR A 543 -8.80 10.60 -12.87
CA THR A 543 -7.82 11.41 -13.56
C THR A 543 -6.67 10.53 -14.01
N GLU A 544 -5.69 11.14 -14.66
CA GLU A 544 -4.54 10.43 -15.21
C GLU A 544 -3.60 9.88 -14.16
N MET A 545 -3.89 9.92 -12.88
CA MET A 545 -2.90 9.42 -11.93
C MET A 545 -2.93 7.90 -11.81
N PHE A 546 -1.84 7.32 -11.24
CA PHE A 546 -1.85 5.89 -10.99
C PHE A 546 -1.01 5.53 -9.76
N CYS A 547 -1.28 4.34 -9.21
N CYS A 547 -1.29 4.35 -9.22
CA CYS A 547 -0.71 3.89 -7.95
CA CYS A 547 -0.69 3.86 -7.99
C CYS A 547 0.16 2.66 -8.19
C CYS A 547 0.29 2.75 -8.31
N CYS A 548 1.25 2.55 -7.40
CA CYS A 548 2.12 1.40 -7.55
C CYS A 548 2.78 1.03 -6.22
N TYR A 549 3.31 -0.19 -6.16
CA TYR A 549 4.04 -0.60 -4.96
C TYR A 549 4.87 -1.83 -5.28
N GLY A 550 5.80 -2.14 -4.38
CA GLY A 550 6.64 -3.28 -4.57
C GLY A 550 5.98 -4.60 -4.16
N PRO A 551 6.73 -5.68 -4.37
CA PRO A 551 6.26 -7.00 -3.93
C PRO A 551 6.40 -7.11 -2.42
N VAL A 552 5.80 -8.17 -1.85
CA VAL A 552 5.86 -8.37 -0.40
C VAL A 552 6.68 -9.59 0.01
N VAL A 553 7.15 -10.40 -0.93
CA VAL A 553 8.11 -11.48 -0.63
C VAL A 553 9.18 -11.48 -1.70
N PRO A 554 10.36 -12.02 -1.40
CA PRO A 554 11.47 -11.86 -2.35
C PRO A 554 11.22 -12.49 -3.70
N ASN A 555 10.39 -13.54 -3.80
CA ASN A 555 10.14 -14.20 -5.07
C ASN A 555 8.78 -13.80 -5.62
N GLY A 556 8.31 -12.61 -5.23
CA GLY A 556 6.95 -12.20 -5.52
C GLY A 556 6.86 -11.11 -6.59
N TYR A 557 5.61 -10.80 -6.89
CA TYR A 557 5.21 -9.64 -7.67
C TYR A 557 4.31 -8.72 -6.89
N GLY A 558 4.32 -7.42 -7.19
CA GLY A 558 3.25 -6.52 -6.83
C GLY A 558 2.54 -6.14 -8.12
N ALA A 559 1.21 -6.23 -8.12
CA ALA A 559 0.48 -5.86 -9.32
C ALA A 559 -0.71 -4.97 -8.97
N CYS A 560 -0.65 -3.70 -9.35
CA CYS A 560 -1.68 -2.70 -9.01
C CYS A 560 -2.27 -2.22 -10.32
N TYR A 561 -3.59 -2.33 -10.49
CA TYR A 561 -4.17 -2.00 -11.78
C TYR A 561 -5.28 -0.97 -11.65
N ASN A 562 -5.48 -0.26 -12.76
CA ASN A 562 -6.41 0.88 -12.85
C ASN A 562 -7.28 0.65 -14.08
N PRO A 563 -8.46 0.08 -13.90
CA PRO A 563 -9.30 -0.26 -15.06
C PRO A 563 -10.07 0.98 -15.49
N GLN A 564 -10.06 1.23 -16.78
CA GLN A 564 -10.76 2.38 -17.38
C GLN A 564 -11.75 1.83 -18.40
N PRO A 565 -12.61 2.65 -18.99
CA PRO A 565 -13.58 2.08 -19.90
C PRO A 565 -12.98 1.30 -21.05
N GLU A 566 -11.90 1.80 -21.65
CA GLU A 566 -11.35 1.21 -22.88
C GLU A 566 -9.92 0.70 -22.72
N THR A 567 -9.34 0.82 -21.53
CA THR A 567 -7.94 0.42 -21.27
C THR A 567 -7.82 -0.11 -19.86
N ILE A 568 -6.73 -0.80 -19.56
CA ILE A 568 -6.42 -1.16 -18.18
C ILE A 568 -4.93 -0.89 -17.93
N LEU A 569 -4.61 -0.11 -16.92
CA LEU A 569 -3.19 0.16 -16.56
C LEU A 569 -2.71 -0.81 -15.51
N PHE A 570 -1.57 -1.44 -15.76
CA PHE A 570 -0.97 -2.39 -14.84
C PHE A 570 0.37 -1.85 -14.38
N CYS A 571 0.55 -1.74 -13.10
CA CYS A 571 1.89 -1.46 -12.58
C CYS A 571 2.43 -2.72 -11.96
N ILE A 572 3.53 -3.26 -12.50
N ILE A 572 3.53 -3.26 -12.52
CA ILE A 572 4.00 -4.60 -12.13
CA ILE A 572 4.02 -4.59 -12.15
C ILE A 572 5.40 -4.46 -11.55
C ILE A 572 5.40 -4.41 -11.53
N SER A 573 5.57 -4.92 -10.31
CA SER A 573 6.89 -4.91 -9.65
C SER A 573 7.33 -6.33 -9.32
N SER A 574 8.66 -6.53 -9.30
CA SER A 574 9.27 -7.79 -8.84
C SER A 574 10.71 -7.44 -8.49
N PHE A 575 11.48 -8.42 -8.02
CA PHE A 575 12.84 -8.13 -7.61
C PHE A 575 13.82 -8.82 -8.56
N HIS A 576 14.83 -8.06 -9.03
CA HIS A 576 15.85 -8.64 -9.94
C HIS A 576 16.66 -9.74 -9.29
N SER A 577 16.72 -9.80 -7.95
N SER A 577 16.76 -9.76 -7.95
CA SER A 577 17.48 -10.84 -7.27
CA SER A 577 17.49 -10.85 -7.31
C SER A 577 16.80 -12.21 -7.27
C SER A 577 16.87 -12.21 -7.61
N CYS A 578 15.55 -12.29 -7.73
CA CYS A 578 14.83 -13.56 -7.92
C CYS A 578 14.86 -13.94 -9.39
N ALA A 579 15.59 -15.03 -9.71
CA ALA A 579 15.73 -15.39 -11.10
C ALA A 579 14.41 -15.82 -11.71
N ALA A 580 13.46 -16.26 -10.90
CA ALA A 580 12.21 -16.75 -11.46
C ALA A 580 11.33 -15.62 -11.97
N THR A 581 11.30 -14.50 -11.27
CA THR A 581 10.34 -13.46 -11.64
C THR A 581 10.91 -12.52 -12.65
N SER A 582 10.01 -11.92 -13.45
CA SER A 582 10.42 -10.86 -14.40
C SER A 582 9.23 -9.96 -14.61
N SER A 583 9.37 -8.65 -14.40
CA SER A 583 8.18 -7.81 -14.55
C SER A 583 7.77 -7.71 -16.00
N SER A 584 8.75 -7.61 -16.93
CA SER A 584 8.39 -7.52 -18.34
C SER A 584 7.77 -8.82 -18.84
N LYS A 585 8.27 -10.00 -18.41
CA LYS A 585 7.63 -11.25 -18.83
C LYS A 585 6.23 -11.37 -18.22
N PHE A 586 6.04 -10.91 -16.98
CA PHE A 586 4.68 -11.01 -16.42
C PHE A 586 3.71 -10.08 -17.14
N ALA A 587 4.17 -8.87 -17.50
CA ALA A 587 3.29 -7.96 -18.25
C ALA A 587 2.90 -8.56 -19.59
N LYS A 588 3.84 -9.25 -20.24
CA LYS A 588 3.49 -9.91 -21.52
C LYS A 588 2.49 -11.03 -21.26
N ALA A 589 2.66 -11.78 -20.18
CA ALA A 589 1.70 -12.85 -19.85
C ALA A 589 0.32 -12.29 -19.54
N VAL A 590 0.25 -11.11 -18.91
CA VAL A 590 -1.04 -10.44 -18.67
C VAL A 590 -1.72 -10.07 -19.97
N GLU A 591 -0.98 -9.45 -20.92
CA GLU A 591 -1.50 -9.16 -22.26
C GLU A 591 -2.04 -10.43 -22.91
N GLU A 592 -1.25 -11.50 -22.91
CA GLU A 592 -1.70 -12.71 -23.59
C GLU A 592 -2.96 -13.29 -22.94
N SER A 593 -3.04 -13.18 -21.61
CA SER A 593 -4.18 -13.73 -20.89
C SER A 593 -5.44 -12.93 -21.17
N LEU A 594 -5.31 -11.61 -21.25
CA LEU A 594 -6.48 -10.76 -21.54
C LEU A 594 -6.96 -11.00 -22.96
N ILE A 595 -6.02 -11.20 -23.89
CA ILE A 595 -6.42 -11.53 -25.27
C ILE A 595 -7.06 -12.91 -25.34
N ASP A 596 -6.52 -13.91 -24.61
CA ASP A 596 -7.16 -15.22 -24.60
C ASP A 596 -8.57 -15.14 -24.05
N MET A 597 -8.74 -14.43 -22.93
CA MET A 597 -10.07 -14.31 -22.33
C MET A 597 -11.05 -13.60 -23.23
N ARG A 598 -10.63 -12.53 -23.91
CA ARG A 598 -11.45 -11.87 -24.95
C ARG A 598 -11.89 -12.86 -26.03
N ASP A 599 -10.94 -13.65 -26.53
CA ASP A 599 -11.29 -14.64 -27.58
C ASP A 599 -12.29 -15.67 -27.09
N LEU A 600 -12.15 -16.12 -25.81
CA LEU A 600 -13.13 -17.09 -25.29
C LEU A 600 -14.51 -16.46 -25.18
N CYS A 601 -14.59 -15.19 -24.76
CA CYS A 601 -15.85 -14.46 -24.63
C CYS A 601 -16.46 -14.10 -25.97
N SER A 602 -15.74 -14.28 -27.06
CA SER A 602 -16.20 -13.93 -28.40
C SER A 602 -16.59 -15.14 -29.24
N LEU A 603 -16.63 -16.35 -28.68
CA LEU A 603 -17.01 -17.51 -29.47
C LEU A 603 -18.41 -17.26 -30.03
C10 A1IAO B . -2.79 2.33 0.43
C11 A1IAO B . -2.54 3.65 0.85
C12 A1IAO B . -2.10 4.66 -0.02
C14 A1IAO B . -2.18 2.99 -1.73
C16 A1IAO B . -2.24 1.37 -3.55
C17 A1IAO B . -2.64 0.38 -2.70
C01 A1IAO B . 1.35 -5.03 -1.77
C03 A1IAO B . 0.19 -2.89 -1.26
C04 A1IAO B . -0.99 -2.09 -1.13
C05 A1IAO B . -2.26 -2.63 -1.45
C06 A1IAO B . -3.50 -1.80 -1.30
C07 A1IAO B . -3.30 -0.44 -0.54
C08 A1IAO B . -2.85 0.65 -1.35
C09 A1IAO B . -2.61 2.02 -0.90
C13 A1IAO B . -1.91 4.36 -1.39
C15 A1IAO B . -2.01 2.69 -3.05
C18 A1IAO B . -2.32 -3.98 -1.89
C19 A1IAO B . -1.15 -4.77 -2.02
N02 A1IAO B . 0.07 -4.19 -1.68
NA NA C . 13.26 -11.31 -10.84
NA NA D . -6.41 -9.84 5.73
#